data_1HDI
#
_entry.id   1HDI
#
_cell.length_a   50.500
_cell.length_b   105.200
_cell.length_c   35.900
_cell.angle_alpha   90.00
_cell.angle_beta   98.40
_cell.angle_gamma   90.00
#
_symmetry.space_group_name_H-M   'P 1 21 1'
#
loop_
_entity.id
_entity.type
_entity.pdbx_description
1 polymer 'PHOSPHOGLYCERATE KINASE'
2 non-polymer 'ADENOSINE MONOPHOSPHATE'
3 non-polymer 'MAGNESIUM ION'
4 non-polymer '3-PHOSPHOGLYCERIC ACID'
5 water water
#
_entity_poly.entity_id   1
_entity_poly.type   'polypeptide(L)'
_entity_poly.pdbx_seq_one_letter_code
;NKLTLDKLNVKGKRVVMRVDFNVPMAAAQITNNARIKAAVPSIKFCLDDGAKSVVLMSHLGRPDGSPMPDKYSLQPVAAE
LKSALGKAVLFLKDCVGPAVEKACADPAAGSVILLENLRFHVEEEGKGKDASGNKAAGEPAKIKAFRASLSALGDVYVND
AFGTAHRAHSSMVGVNLPKKAGAFLMKKELNYFAAAAESPERPFLAILGGAKVADKIQLINNMLDKVNEMIIGGGMAFTF
LKVLNNMEIGTSLFDEAGKKIVKNLMSKAAANGVKITLPVDFVTADKFDEQAKIGQATVASGIPAGWMGLDCGPKSSAKY
SEAVARAKQIVWNGPVGVFEWEAFAQGTKALMDEVVKATSRGCITIIGGGDTATCCAKWNTEDNVSHVSTGGGASLELLE
GKVLPGVDALSNV
;
_entity_poly.pdbx_strand_id   A
#
# COMPACT_ATOMS: atom_id res chain seq x y z
N ASN A 1 -19.57 -0.21 7.03
CA ASN A 1 -20.24 -0.87 8.21
C ASN A 1 -19.40 -1.91 8.97
N LYS A 2 -18.23 -1.51 9.47
CA LYS A 2 -17.42 -2.44 10.27
C LYS A 2 -17.04 -1.71 11.55
N LEU A 3 -16.86 -2.45 12.65
CA LEU A 3 -16.48 -1.85 13.93
C LEU A 3 -15.11 -1.19 13.82
N THR A 4 -15.04 0.04 14.33
CA THR A 4 -13.79 0.82 14.34
C THR A 4 -13.45 1.22 15.78
N LEU A 5 -12.17 1.49 16.03
CA LEU A 5 -11.66 1.84 17.36
C LEU A 5 -12.46 2.89 18.12
N ASP A 6 -12.78 3.99 17.45
CA ASP A 6 -13.50 5.09 18.08
C ASP A 6 -14.85 4.67 18.71
N LYS A 7 -15.42 3.58 18.19
CA LYS A 7 -16.69 3.03 18.67
C LYS A 7 -16.42 1.85 19.62
N LEU A 8 -15.17 1.68 20.03
CA LEU A 8 -14.79 0.56 20.93
C LEU A 8 -14.44 1.00 22.37
N ASN A 9 -15.04 0.32 23.33
CA ASN A 9 -14.80 0.59 24.75
C ASN A 9 -13.50 -0.10 25.19
N VAL A 10 -12.48 0.69 25.48
CA VAL A 10 -11.17 0.19 25.90
C VAL A 10 -10.80 0.44 27.37
N LYS A 11 -11.59 1.24 28.08
CA LYS A 11 -11.26 1.54 29.48
C LYS A 11 -11.07 0.29 30.33
N GLY A 12 -9.86 0.12 30.84
CA GLY A 12 -9.57 -1.03 31.69
C GLY A 12 -9.40 -2.36 30.95
N LYS A 13 -9.16 -2.29 29.65
CA LYS A 13 -9.01 -3.49 28.81
C LYS A 13 -7.60 -3.59 28.30
N ARG A 14 -7.17 -4.83 28.05
CA ARG A 14 -5.88 -5.08 27.45
C ARG A 14 -6.24 -5.09 25.96
N VAL A 15 -5.56 -4.26 25.18
CA VAL A 15 -5.81 -4.17 23.76
C VAL A 15 -4.70 -4.89 22.99
N VAL A 16 -5.07 -5.90 22.21
CA VAL A 16 -4.12 -6.65 21.37
C VAL A 16 -4.29 -6.02 19.97
N MET A 17 -3.26 -5.31 19.55
CA MET A 17 -3.29 -4.58 18.29
C MET A 17 -2.30 -5.01 17.21
N ARG A 18 -2.84 -5.36 16.05
CA ARG A 18 -2.02 -5.71 14.92
C ARG A 18 -1.71 -4.41 14.20
N VAL A 19 -0.42 -4.16 13.97
CA VAL A 19 0.02 -2.94 13.25
C VAL A 19 0.96 -3.41 12.15
N ASP A 20 1.10 -2.59 11.12
CA ASP A 20 2.05 -2.94 10.07
C ASP A 20 3.28 -2.07 10.30
N PHE A 21 4.24 -2.64 11.02
CA PHE A 21 5.50 -1.98 11.34
C PHE A 21 6.60 -2.54 10.42
N ASN A 22 6.19 -3.28 9.39
CA ASN A 22 7.14 -3.86 8.42
C ASN A 22 7.78 -2.70 7.67
N VAL A 23 8.62 -1.98 8.38
CA VAL A 23 9.31 -0.83 7.85
C VAL A 23 10.59 -1.16 7.13
N PRO A 24 10.98 -0.30 6.17
CA PRO A 24 12.21 -0.55 5.45
C PRO A 24 13.32 -0.33 6.43
N MET A 25 14.43 -0.97 6.22
CA MET A 25 15.58 -0.81 7.11
C MET A 25 16.86 -0.91 6.29
N ALA A 26 17.96 -0.80 6.98
CA ALA A 26 19.30 -0.85 6.37
C ALA A 26 20.32 -0.91 7.49
N ALA A 27 21.16 -1.95 7.49
CA ALA A 27 22.17 -2.21 8.51
C ALA A 27 21.73 -1.75 9.91
N ALA A 28 20.80 -2.52 10.45
CA ALA A 28 20.16 -2.34 11.78
C ALA A 28 19.75 -0.89 12.03
N GLN A 29 18.97 -0.36 11.11
CA GLN A 29 18.49 1.01 11.19
C GLN A 29 17.26 1.16 10.33
N ILE A 30 16.28 1.88 10.85
CA ILE A 30 15.02 2.16 10.17
C ILE A 30 15.29 3.27 9.17
N THR A 31 14.80 3.12 7.94
CA THR A 31 15.01 4.13 6.89
C THR A 31 13.77 4.96 6.55
N ASN A 32 12.64 4.64 7.20
CA ASN A 32 11.36 5.34 6.98
C ASN A 32 10.35 4.89 8.07
N ASN A 33 9.91 5.89 8.84
CA ASN A 33 9.00 5.70 10.02
C ASN A 33 7.51 5.62 9.68
N ALA A 34 7.15 6.29 8.61
CA ALA A 34 5.76 6.40 8.12
C ALA A 34 4.76 5.43 8.80
N ARG A 35 5.00 4.13 8.65
CA ARG A 35 4.06 3.09 9.14
C ARG A 35 3.94 3.10 10.67
N ILE A 36 5.03 3.44 11.36
CA ILE A 36 5.03 3.51 12.83
C ILE A 36 4.22 4.72 13.26
N LYS A 37 4.52 5.86 12.65
CA LYS A 37 3.83 7.12 12.96
C LYS A 37 2.35 7.04 12.57
N ALA A 38 2.06 6.32 11.49
CA ALA A 38 0.70 6.16 11.02
C ALA A 38 -0.18 5.43 12.04
N ALA A 39 0.43 4.61 12.88
CA ALA A 39 -0.31 3.83 13.86
C ALA A 39 -0.39 4.47 15.26
N VAL A 40 0.37 5.54 15.48
CA VAL A 40 0.40 6.23 16.77
C VAL A 40 -0.97 6.80 17.20
N PRO A 41 -1.76 7.40 16.30
CA PRO A 41 -3.06 7.94 16.72
C PRO A 41 -3.94 6.86 17.36
N SER A 42 -3.86 5.64 16.86
CA SER A 42 -4.64 4.53 17.42
C SER A 42 -4.13 4.14 18.82
N ILE A 43 -2.81 4.01 18.94
CA ILE A 43 -2.16 3.64 20.22
C ILE A 43 -2.49 4.66 21.31
N LYS A 44 -2.46 5.93 20.94
CA LYS A 44 -2.74 7.01 21.90
C LYS A 44 -4.18 7.02 22.32
N PHE A 45 -5.08 6.82 21.35
CA PHE A 45 -6.50 6.77 21.66
C PHE A 45 -6.73 5.76 22.77
N CYS A 46 -6.12 4.59 22.62
CA CYS A 46 -6.27 3.54 23.60
C CYS A 46 -5.77 4.00 24.97
N LEU A 47 -4.54 4.50 25.02
CA LEU A 47 -3.94 4.96 26.27
C LEU A 47 -4.74 6.08 26.95
N ASP A 48 -5.11 7.09 26.16
CA ASP A 48 -5.87 8.23 26.61
C ASP A 48 -7.28 7.85 27.12
N ASP A 49 -7.81 6.75 26.60
CA ASP A 49 -9.13 6.28 27.02
C ASP A 49 -9.10 5.19 28.10
N GLY A 50 -7.96 5.10 28.77
CA GLY A 50 -7.84 4.16 29.88
C GLY A 50 -7.54 2.70 29.65
N ALA A 51 -7.05 2.32 28.45
CA ALA A 51 -6.72 0.92 28.20
C ALA A 51 -5.71 0.44 29.26
N LYS A 52 -5.85 -0.80 29.72
CA LYS A 52 -4.90 -1.34 30.70
C LYS A 52 -3.55 -1.53 30.02
N SER A 53 -3.59 -1.97 28.76
CA SER A 53 -2.38 -2.17 27.98
C SER A 53 -2.69 -2.15 26.50
N VAL A 54 -1.64 -2.00 25.70
CA VAL A 54 -1.74 -2.03 24.24
C VAL A 54 -0.56 -2.93 23.84
N VAL A 55 -0.87 -4.16 23.42
CA VAL A 55 0.15 -5.11 22.99
C VAL A 55 0.23 -5.03 21.47
N LEU A 56 1.34 -4.53 20.96
CA LEU A 56 1.54 -4.36 19.52
C LEU A 56 2.19 -5.58 18.88
N MET A 57 1.65 -6.01 17.75
CA MET A 57 2.24 -7.15 17.06
C MET A 57 2.32 -6.89 15.57
N SER A 58 3.43 -7.30 14.95
CA SER A 58 3.68 -7.12 13.52
C SER A 58 4.72 -8.09 12.97
N HIS A 59 4.84 -8.12 11.65
CA HIS A 59 5.88 -8.91 11.04
C HIS A 59 6.91 -7.91 10.55
N LEU A 60 8.07 -8.40 10.14
CA LEU A 60 9.10 -7.53 9.58
C LEU A 60 9.89 -8.33 8.56
N GLY A 61 9.81 -7.91 7.30
CA GLY A 61 10.49 -8.62 6.25
C GLY A 61 9.89 -9.98 5.99
N ARG A 62 10.69 -10.88 5.43
CA ARG A 62 10.20 -12.19 5.14
C ARG A 62 11.13 -13.30 5.66
N PRO A 63 11.17 -13.49 6.97
CA PRO A 63 12.00 -14.51 7.61
C PRO A 63 11.51 -15.90 7.27
N ASP A 64 10.30 -15.94 6.74
CA ASP A 64 9.65 -17.18 6.25
C ASP A 64 9.56 -18.23 7.34
N GLY A 65 9.41 -17.73 8.55
CA GLY A 65 9.08 -18.56 9.72
C GLY A 65 10.25 -19.22 10.48
N SER A 66 11.31 -18.51 10.69
CA SER A 66 12.43 -19.05 11.49
C SER A 66 13.02 -17.90 12.28
N PRO A 67 13.19 -18.04 13.59
CA PRO A 67 13.75 -16.90 14.34
C PRO A 67 15.09 -16.42 13.78
N MET A 68 14.97 -15.28 13.16
CA MET A 68 16.10 -14.55 12.59
C MET A 68 16.20 -13.25 13.36
N PRO A 69 16.45 -13.31 14.68
CA PRO A 69 16.55 -12.12 15.53
C PRO A 69 17.73 -11.23 15.18
N ASP A 70 18.65 -11.78 14.39
CA ASP A 70 19.83 -11.05 13.97
C ASP A 70 19.58 -10.08 12.80
N LYS A 71 18.72 -10.47 11.86
CA LYS A 71 18.48 -9.59 10.71
C LYS A 71 17.07 -9.03 10.61
N TYR A 72 16.08 -9.73 11.16
CA TYR A 72 14.69 -9.28 11.08
C TYR A 72 14.01 -9.07 12.44
N SER A 73 14.73 -8.47 13.39
CA SER A 73 14.16 -8.22 14.70
C SER A 73 13.37 -6.90 14.75
N LEU A 74 12.27 -6.90 15.49
CA LEU A 74 11.49 -5.68 15.66
C LEU A 74 12.04 -4.81 16.80
N GLN A 75 13.12 -5.25 17.44
CA GLN A 75 13.69 -4.51 18.57
C GLN A 75 13.99 -3.03 18.29
N PRO A 76 14.62 -2.71 17.13
CA PRO A 76 14.93 -1.31 16.83
C PRO A 76 13.66 -0.45 16.86
N VAL A 77 12.56 -1.02 16.38
CA VAL A 77 11.28 -0.31 16.33
C VAL A 77 10.78 0.09 17.72
N ALA A 78 11.13 -0.70 18.74
CA ALA A 78 10.72 -0.42 20.11
C ALA A 78 11.33 0.90 20.61
N ALA A 79 12.58 1.17 20.26
CA ALA A 79 13.25 2.39 20.68
C ALA A 79 12.75 3.59 19.89
N GLU A 80 12.37 3.36 18.63
CA GLU A 80 11.85 4.38 17.75
C GLU A 80 10.44 4.79 18.17
N LEU A 81 9.65 3.80 18.56
CA LEU A 81 8.28 4.00 18.99
C LEU A 81 8.25 4.74 20.32
N LYS A 82 9.22 4.47 21.16
CA LYS A 82 9.31 5.14 22.46
C LYS A 82 9.54 6.64 22.27
N SER A 83 10.25 7.01 21.20
CA SER A 83 10.56 8.42 20.88
C SER A 83 9.37 9.15 20.31
N ALA A 84 8.62 8.43 19.47
CA ALA A 84 7.44 8.99 18.81
C ALA A 84 6.28 9.06 19.80
N LEU A 85 6.20 8.05 20.64
CA LEU A 85 5.14 7.93 21.61
C LEU A 85 5.45 8.68 22.91
N GLY A 86 6.73 8.95 23.12
CA GLY A 86 7.14 9.62 24.34
C GLY A 86 6.70 8.80 25.53
N LYS A 87 6.83 7.47 25.39
CA LYS A 87 6.45 6.54 26.45
C LYS A 87 7.29 5.26 26.33
N ALA A 88 7.66 4.71 27.48
CA ALA A 88 8.45 3.48 27.55
C ALA A 88 7.74 2.31 26.86
N VAL A 89 8.51 1.49 26.16
CA VAL A 89 7.94 0.34 25.47
C VAL A 89 8.66 -0.92 25.92
N LEU A 90 7.90 -1.92 26.38
CA LEU A 90 8.45 -3.20 26.79
C LEU A 90 8.52 -4.11 25.57
N PHE A 91 9.73 -4.38 25.11
CA PHE A 91 9.90 -5.25 23.94
C PHE A 91 10.08 -6.70 24.42
N LEU A 92 9.29 -7.62 23.86
CA LEU A 92 9.37 -9.04 24.18
C LEU A 92 10.04 -9.77 22.98
N LYS A 93 10.91 -10.72 23.29
CA LYS A 93 11.68 -11.47 22.33
C LYS A 93 10.90 -12.55 21.62
N ASP A 94 9.63 -12.72 21.96
CA ASP A 94 8.74 -13.68 21.29
C ASP A 94 7.36 -13.01 21.19
N CYS A 95 6.39 -13.70 20.61
CA CYS A 95 5.05 -13.16 20.45
C CYS A 95 3.97 -14.09 20.96
N VAL A 96 4.36 -15.32 21.29
CA VAL A 96 3.45 -16.35 21.79
C VAL A 96 4.19 -17.15 22.85
N GLY A 97 3.48 -18.03 23.53
CA GLY A 97 4.09 -18.86 24.55
C GLY A 97 3.68 -18.47 25.96
N PRO A 98 3.93 -19.35 26.93
CA PRO A 98 3.58 -19.13 28.34
C PRO A 98 4.12 -17.84 28.97
N ALA A 99 5.37 -17.52 28.67
CA ALA A 99 6.02 -16.35 29.23
C ALA A 99 5.49 -15.05 28.63
N VAL A 100 5.21 -15.05 27.33
CA VAL A 100 4.68 -13.84 26.72
C VAL A 100 3.26 -13.65 27.26
N GLU A 101 2.52 -14.75 27.36
CA GLU A 101 1.15 -14.68 27.87
C GLU A 101 1.15 -14.15 29.31
N LYS A 102 2.12 -14.61 30.07
CA LYS A 102 2.21 -14.19 31.45
C LYS A 102 2.53 -12.70 31.54
N ALA A 103 3.37 -12.20 30.64
CA ALA A 103 3.74 -10.78 30.62
C ALA A 103 2.59 -9.84 30.23
N CYS A 104 1.70 -10.31 29.35
CA CYS A 104 0.55 -9.50 28.93
C CYS A 104 -0.72 -9.81 29.75
N ALA A 105 -0.59 -10.69 30.75
CA ALA A 105 -1.71 -11.10 31.59
C ALA A 105 -2.39 -9.98 32.38
N ASP A 106 -1.62 -9.25 33.18
CA ASP A 106 -2.10 -8.15 34.00
C ASP A 106 -1.04 -7.04 34.06
N PRO A 107 -0.79 -6.41 32.91
CA PRO A 107 0.18 -5.34 32.74
C PRO A 107 -0.13 -4.09 33.57
N ALA A 108 0.90 -3.31 33.88
CA ALA A 108 0.68 -2.06 34.61
C ALA A 108 -0.18 -1.19 33.70
N ALA A 109 -1.25 -0.59 34.24
CA ALA A 109 -2.14 0.26 33.46
C ALA A 109 -1.38 1.27 32.64
N GLY A 110 -1.71 1.35 31.35
CA GLY A 110 -1.02 2.27 30.46
C GLY A 110 0.20 1.65 29.78
N SER A 111 0.40 0.36 29.99
CA SER A 111 1.55 -0.32 29.41
C SER A 111 1.49 -0.52 27.89
N VAL A 112 2.59 -0.23 27.21
CA VAL A 112 2.70 -0.46 25.76
C VAL A 112 3.76 -1.56 25.63
N ILE A 113 3.36 -2.67 24.98
CA ILE A 113 4.23 -3.83 24.84
C ILE A 113 4.37 -4.15 23.36
N LEU A 114 5.60 -4.36 22.89
CA LEU A 114 5.84 -4.68 21.48
C LEU A 114 6.41 -6.11 21.39
N LEU A 115 5.70 -6.99 20.68
CA LEU A 115 6.12 -8.38 20.49
C LEU A 115 7.14 -8.53 19.36
N GLU A 116 7.89 -9.62 19.37
CA GLU A 116 8.87 -9.89 18.34
C GLU A 116 8.15 -10.32 17.07
N ASN A 117 8.86 -10.20 15.96
CA ASN A 117 8.42 -10.53 14.62
C ASN A 117 7.51 -11.77 14.58
N LEU A 118 6.27 -11.58 14.14
CA LEU A 118 5.32 -12.69 14.07
C LEU A 118 5.77 -13.76 13.07
N ARG A 119 6.50 -13.34 12.05
CA ARG A 119 6.95 -14.29 11.03
C ARG A 119 8.10 -15.20 11.43
N PHE A 120 8.47 -15.18 12.70
CA PHE A 120 9.50 -16.08 13.20
C PHE A 120 8.85 -17.46 13.42
N HIS A 121 7.53 -17.48 13.34
CA HIS A 121 6.73 -18.70 13.51
C HIS A 121 6.02 -18.97 12.20
N VAL A 122 6.16 -20.20 11.71
CA VAL A 122 5.54 -20.61 10.45
C VAL A 122 4.02 -20.52 10.55
N GLU A 123 3.49 -20.54 11.78
CA GLU A 123 2.06 -20.46 12.00
C GLU A 123 1.42 -19.13 11.61
N GLU A 124 2.20 -18.06 11.52
CA GLU A 124 1.66 -16.77 11.13
C GLU A 124 1.16 -16.79 9.68
N GLU A 125 2.05 -17.07 8.73
CA GLU A 125 1.70 -17.13 7.32
C GLU A 125 1.03 -18.47 7.01
N GLY A 126 1.36 -19.47 7.81
CA GLY A 126 0.80 -20.80 7.62
C GLY A 126 1.65 -21.63 6.68
N LYS A 127 2.81 -21.10 6.32
CA LYS A 127 3.74 -21.79 5.44
C LYS A 127 5.05 -21.06 5.48
N GLY A 128 6.11 -21.69 5.00
CA GLY A 128 7.41 -21.05 5.00
C GLY A 128 8.48 -21.93 4.40
N LYS A 129 9.73 -21.63 4.73
CA LYS A 129 10.89 -22.38 4.26
C LYS A 129 11.73 -22.73 5.48
N ASP A 130 12.36 -23.89 5.48
CA ASP A 130 13.18 -24.29 6.58
C ASP A 130 14.56 -23.65 6.44
N ALA A 131 15.50 -24.08 7.28
CA ALA A 131 16.85 -23.53 7.27
C ALA A 131 17.54 -23.70 5.91
N SER A 132 17.38 -24.87 5.31
CA SER A 132 17.99 -25.20 4.03
C SER A 132 17.46 -24.34 2.89
N GLY A 133 16.29 -23.74 3.09
CA GLY A 133 15.68 -22.89 2.07
C GLY A 133 14.52 -23.64 1.47
N ASN A 134 14.29 -24.84 2.00
CA ASN A 134 13.22 -25.70 1.55
C ASN A 134 11.87 -25.32 2.11
N LYS A 135 10.84 -25.39 1.28
CA LYS A 135 9.52 -25.00 1.75
C LYS A 135 8.90 -26.00 2.73
N ALA A 136 8.55 -25.49 3.90
CA ALA A 136 7.94 -26.26 4.98
C ALA A 136 6.50 -25.80 5.19
N ALA A 137 5.62 -26.73 5.51
CA ALA A 137 4.22 -26.39 5.74
C ALA A 137 3.84 -26.36 7.21
N GLY A 138 2.98 -25.41 7.58
CA GLY A 138 2.52 -25.29 8.96
C GLY A 138 1.57 -26.42 9.32
N GLU A 139 1.53 -26.76 10.60
CA GLU A 139 0.67 -27.82 11.07
C GLU A 139 -0.60 -27.19 11.65
N PRO A 140 -1.79 -27.72 11.29
CA PRO A 140 -3.11 -27.25 11.75
C PRO A 140 -3.22 -27.06 13.27
N ALA A 141 -2.86 -28.08 14.04
CA ALA A 141 -2.95 -27.95 15.49
C ALA A 141 -2.02 -26.83 15.98
N LYS A 142 -0.86 -26.69 15.35
CA LYS A 142 0.08 -25.65 15.74
C LYS A 142 -0.50 -24.29 15.39
N ILE A 143 -1.20 -24.23 14.26
CA ILE A 143 -1.83 -22.99 13.82
C ILE A 143 -2.86 -22.58 14.86
N LYS A 144 -3.70 -23.54 15.28
CA LYS A 144 -4.71 -23.26 16.29
C LYS A 144 -4.09 -22.77 17.60
N ALA A 145 -3.04 -23.45 18.05
CA ALA A 145 -2.35 -23.07 19.28
C ALA A 145 -1.76 -21.67 19.17
N PHE A 146 -1.14 -21.38 18.03
CA PHE A 146 -0.52 -20.09 17.81
C PHE A 146 -1.55 -18.98 17.90
N ARG A 147 -2.72 -19.20 17.28
CA ARG A 147 -3.80 -18.23 17.29
C ARG A 147 -4.41 -18.08 18.69
N ALA A 148 -4.48 -19.17 19.43
CA ALA A 148 -5.03 -19.13 20.78
C ALA A 148 -4.10 -18.36 21.72
N SER A 149 -2.80 -18.37 21.46
CA SER A 149 -1.84 -17.66 22.31
C SER A 149 -1.96 -16.15 22.09
N LEU A 150 -2.04 -15.75 20.82
CA LEU A 150 -2.19 -14.34 20.48
C LEU A 150 -3.49 -13.81 21.07
N SER A 151 -4.52 -14.65 21.06
CA SER A 151 -5.81 -14.24 21.58
C SER A 151 -5.79 -13.98 23.09
N ALA A 152 -4.89 -14.63 23.82
CA ALA A 152 -4.78 -14.44 25.28
C ALA A 152 -4.17 -13.10 25.72
N LEU A 153 -3.42 -12.46 24.81
CA LEU A 153 -2.73 -11.21 25.10
C LEU A 153 -3.59 -9.96 25.27
N GLY A 154 -4.87 -10.06 24.93
CA GLY A 154 -5.77 -8.94 25.06
C GLY A 154 -7.20 -9.35 25.31
N ASP A 155 -8.01 -8.40 25.78
CA ASP A 155 -9.42 -8.63 26.01
C ASP A 155 -10.17 -8.22 24.75
N VAL A 156 -9.63 -7.23 24.04
CA VAL A 156 -10.22 -6.75 22.79
C VAL A 156 -9.14 -6.67 21.70
N TYR A 157 -9.57 -6.77 20.46
CA TYR A 157 -8.62 -6.74 19.34
C TYR A 157 -8.80 -5.54 18.39
N VAL A 158 -7.68 -4.98 17.94
CA VAL A 158 -7.69 -3.84 17.01
C VAL A 158 -6.74 -4.13 15.85
N ASN A 159 -7.22 -3.99 14.62
CA ASN A 159 -6.37 -4.23 13.48
C ASN A 159 -6.14 -2.90 12.79
N ASP A 160 -4.94 -2.35 12.93
CA ASP A 160 -4.62 -1.10 12.25
C ASP A 160 -3.60 -1.38 11.15
N ALA A 161 -3.35 -2.65 10.87
CA ALA A 161 -2.35 -3.03 9.88
C ALA A 161 -2.89 -3.02 8.46
N PHE A 162 -3.24 -1.84 7.96
CA PHE A 162 -3.76 -1.78 6.60
C PHE A 162 -2.84 -2.42 5.56
N GLY A 163 -1.53 -2.17 5.69
CA GLY A 163 -0.54 -2.70 4.75
C GLY A 163 -0.55 -4.23 4.63
N THR A 164 -1.07 -4.89 5.65
CA THR A 164 -1.12 -6.36 5.68
C THR A 164 -2.54 -6.93 5.50
N ALA A 165 -3.53 -6.05 5.35
CA ALA A 165 -4.92 -6.46 5.27
C ALA A 165 -5.33 -7.42 4.16
N HIS A 166 -4.50 -7.53 3.12
CA HIS A 166 -4.76 -8.45 2.03
C HIS A 166 -4.29 -9.87 2.36
N ARG A 167 -3.61 -10.00 3.49
CA ARG A 167 -3.06 -11.28 3.97
C ARG A 167 -3.95 -11.96 5.02
N ALA A 168 -4.34 -13.20 4.75
CA ALA A 168 -5.17 -13.95 5.70
C ALA A 168 -4.25 -14.74 6.62
N HIS A 169 -3.37 -14.02 7.29
CA HIS A 169 -2.41 -14.58 8.21
C HIS A 169 -3.04 -14.69 9.60
N SER A 170 -2.45 -15.52 10.46
CA SER A 170 -2.97 -15.74 11.82
C SER A 170 -3.30 -14.49 12.61
N SER A 171 -2.38 -13.53 12.61
CA SER A 171 -2.56 -12.29 13.37
C SER A 171 -3.60 -11.36 12.80
N MET A 172 -3.99 -11.64 11.55
CA MET A 172 -4.96 -10.84 10.81
C MET A 172 -6.39 -11.39 10.78
N VAL A 173 -6.53 -12.71 10.81
CA VAL A 173 -7.85 -13.34 10.77
C VAL A 173 -8.09 -14.38 11.86
N GLY A 174 -7.06 -14.71 12.62
CA GLY A 174 -7.15 -15.76 13.63
C GLY A 174 -7.32 -15.40 15.08
N VAL A 175 -7.36 -14.11 15.41
CA VAL A 175 -7.53 -13.71 16.79
C VAL A 175 -9.00 -13.88 17.22
N ASN A 176 -9.22 -14.81 18.12
CA ASN A 176 -10.56 -15.15 18.64
C ASN A 176 -10.97 -14.33 19.85
N LEU A 177 -11.46 -13.12 19.62
CA LEU A 177 -11.90 -12.22 20.69
C LEU A 177 -13.26 -11.66 20.28
N PRO A 178 -14.17 -11.46 21.24
CA PRO A 178 -15.49 -10.93 20.91
C PRO A 178 -15.49 -9.63 20.11
N LYS A 179 -14.59 -8.71 20.44
CA LYS A 179 -14.53 -7.44 19.73
C LYS A 179 -13.26 -7.29 18.90
N LYS A 180 -13.44 -7.10 17.60
CA LYS A 180 -12.33 -6.90 16.65
C LYS A 180 -12.64 -5.65 15.85
N ALA A 181 -11.94 -4.57 16.18
CA ALA A 181 -12.17 -3.29 15.52
C ALA A 181 -11.02 -2.81 14.68
N GLY A 182 -11.34 -2.14 13.57
CA GLY A 182 -10.35 -1.57 12.69
C GLY A 182 -9.90 -0.30 13.34
N ALA A 183 -8.60 -0.02 13.31
CA ALA A 183 -8.16 1.20 13.95
C ALA A 183 -8.26 2.40 13.04
N PHE A 184 -7.70 3.52 13.50
CA PHE A 184 -7.76 4.79 12.80
C PHE A 184 -7.11 4.83 11.43
N LEU A 185 -6.02 4.10 11.24
CA LEU A 185 -5.39 4.08 9.93
C LEU A 185 -6.26 3.26 8.99
N MET A 186 -6.65 2.07 9.46
CA MET A 186 -7.50 1.15 8.71
C MET A 186 -8.80 1.88 8.31
N LYS A 187 -9.36 2.64 9.25
CA LYS A 187 -10.59 3.41 9.06
C LYS A 187 -10.41 4.41 7.94
N LYS A 188 -9.36 5.20 8.03
CA LYS A 188 -9.05 6.21 7.02
C LYS A 188 -8.83 5.60 5.63
N GLU A 189 -8.08 4.50 5.60
CA GLU A 189 -7.78 3.82 4.35
C GLU A 189 -9.06 3.32 3.69
N LEU A 190 -9.93 2.67 4.47
CA LEU A 190 -11.19 2.15 3.94
C LEU A 190 -12.17 3.27 3.59
N ASN A 191 -12.14 4.35 4.36
CA ASN A 191 -13.02 5.52 4.16
C ASN A 191 -12.79 6.11 2.79
N TYR A 192 -11.52 6.33 2.46
CA TYR A 192 -11.15 6.89 1.19
C TYR A 192 -11.38 5.95 0.04
N PHE A 193 -11.00 4.70 0.22
CA PHE A 193 -11.19 3.77 -0.86
C PHE A 193 -12.66 3.48 -1.09
N ALA A 194 -13.45 3.70 -0.06
CA ALA A 194 -14.90 3.54 -0.18
C ALA A 194 -15.40 4.58 -1.17
N ALA A 195 -14.60 5.62 -1.27
CA ALA A 195 -14.87 6.76 -2.16
C ALA A 195 -14.67 6.33 -3.62
N ALA A 196 -13.57 5.65 -3.83
CA ALA A 196 -13.17 5.18 -5.15
C ALA A 196 -14.06 4.02 -5.64
N ALA A 197 -14.35 3.11 -4.74
CA ALA A 197 -15.08 1.87 -5.08
C ALA A 197 -16.62 1.95 -4.95
N GLU A 198 -17.16 3.01 -4.35
CA GLU A 198 -18.63 3.03 -4.14
C GLU A 198 -19.32 4.31 -4.63
N SER A 199 -19.05 5.41 -3.96
CA SER A 199 -19.72 6.69 -4.26
C SER A 199 -18.70 7.80 -4.57
N PRO A 200 -18.04 7.70 -5.71
CA PRO A 200 -17.07 8.75 -6.03
C PRO A 200 -17.67 10.07 -6.50
N GLU A 201 -16.94 11.15 -6.25
CA GLU A 201 -17.34 12.48 -6.68
C GLU A 201 -17.01 12.45 -8.17
N ARG A 202 -17.67 13.29 -8.96
CA ARG A 202 -17.42 13.30 -10.40
C ARG A 202 -17.16 14.66 -11.06
N PRO A 203 -16.35 14.69 -12.14
CA PRO A 203 -15.69 13.54 -12.76
C PRO A 203 -14.68 12.82 -11.86
N PHE A 204 -14.57 11.53 -12.06
CA PHE A 204 -13.65 10.68 -11.30
C PHE A 204 -12.58 10.24 -12.30
N LEU A 205 -11.34 10.67 -12.01
CA LEU A 205 -10.19 10.35 -12.85
C LEU A 205 -9.26 9.35 -12.16
N ALA A 206 -8.89 8.36 -12.94
CA ALA A 206 -7.96 7.33 -12.51
C ALA A 206 -6.68 7.48 -13.33
N ILE A 207 -5.60 7.63 -12.61
CA ILE A 207 -4.26 7.74 -13.22
C ILE A 207 -3.48 6.47 -12.90
N LEU A 208 -3.28 5.68 -13.93
CA LEU A 208 -2.58 4.40 -13.79
C LEU A 208 -1.25 4.41 -14.52
N GLY A 209 -0.17 4.12 -13.80
CA GLY A 209 1.15 4.12 -14.40
C GLY A 209 1.85 2.80 -14.14
N GLY A 210 3.17 2.75 -14.26
CA GLY A 210 3.87 1.51 -14.02
C GLY A 210 4.45 0.93 -15.30
N ALA A 211 5.01 -0.27 -15.18
CA ALA A 211 5.65 -0.94 -16.30
C ALA A 211 4.78 -1.99 -17.01
N LYS A 212 4.45 -3.03 -16.28
CA LYS A 212 3.69 -4.14 -16.83
C LYS A 212 2.20 -3.86 -16.95
N VAL A 213 1.57 -4.53 -17.91
CA VAL A 213 0.14 -4.38 -18.19
C VAL A 213 -0.63 -5.62 -17.73
N ALA A 214 -0.07 -6.79 -18.00
CA ALA A 214 -0.70 -8.06 -17.64
C ALA A 214 -1.10 -8.15 -16.17
N ASP A 215 -0.21 -7.71 -15.28
CA ASP A 215 -0.50 -7.76 -13.84
C ASP A 215 -1.49 -6.67 -13.40
N LYS A 216 -1.92 -5.82 -14.33
CA LYS A 216 -2.85 -4.76 -13.98
C LYS A 216 -4.18 -4.86 -14.73
N ILE A 217 -4.38 -5.96 -15.46
CA ILE A 217 -5.62 -6.15 -16.21
C ILE A 217 -6.84 -5.96 -15.30
N GLN A 218 -6.86 -6.61 -14.14
CA GLN A 218 -8.01 -6.50 -13.25
C GLN A 218 -8.19 -5.10 -12.64
N LEU A 219 -7.06 -4.44 -12.35
CA LEU A 219 -7.05 -3.09 -11.80
C LEU A 219 -7.68 -2.14 -12.82
N ILE A 220 -7.27 -2.29 -14.07
CA ILE A 220 -7.77 -1.44 -15.15
C ILE A 220 -9.25 -1.71 -15.41
N ASN A 221 -9.60 -2.99 -15.45
CA ASN A 221 -10.96 -3.41 -15.69
C ASN A 221 -11.92 -2.91 -14.61
N ASN A 222 -11.51 -3.04 -13.35
CA ASN A 222 -12.33 -2.61 -12.21
C ASN A 222 -12.52 -1.11 -12.24
N MET A 223 -11.45 -0.39 -12.51
CA MET A 223 -11.50 1.05 -12.56
C MET A 223 -12.37 1.54 -13.70
N LEU A 224 -12.40 0.81 -14.82
CA LEU A 224 -13.23 1.15 -15.98
C LEU A 224 -14.71 1.12 -15.64
N ASP A 225 -15.06 0.36 -14.60
CA ASP A 225 -16.45 0.26 -14.14
C ASP A 225 -16.82 1.40 -13.22
N LYS A 226 -15.84 2.21 -12.84
CA LYS A 226 -16.11 3.29 -11.91
C LYS A 226 -15.73 4.69 -12.30
N VAL A 227 -14.73 4.86 -13.17
CA VAL A 227 -14.29 6.20 -13.53
C VAL A 227 -14.98 6.85 -14.74
N ASN A 228 -14.75 8.15 -14.88
CA ASN A 228 -15.23 8.92 -16.01
C ASN A 228 -14.06 9.11 -16.97
N GLU A 229 -12.85 9.14 -16.43
CA GLU A 229 -11.64 9.34 -17.24
C GLU A 229 -10.53 8.49 -16.70
N MET A 230 -9.60 8.14 -17.58
CA MET A 230 -8.46 7.35 -17.19
C MET A 230 -7.19 7.71 -17.97
N ILE A 231 -6.15 8.06 -17.22
CA ILE A 231 -4.85 8.34 -17.82
C ILE A 231 -4.10 7.00 -17.70
N ILE A 232 -3.54 6.53 -18.82
CA ILE A 232 -2.75 5.31 -18.85
C ILE A 232 -1.33 5.75 -19.22
N GLY A 233 -0.45 5.80 -18.22
CA GLY A 233 0.93 6.22 -18.45
C GLY A 233 2.03 5.24 -18.04
N GLY A 234 3.24 5.76 -17.90
CA GLY A 234 4.35 4.90 -17.54
C GLY A 234 4.72 3.97 -18.68
N GLY A 235 5.41 2.89 -18.36
CA GLY A 235 5.84 1.94 -19.37
C GLY A 235 4.67 1.20 -20.00
N MET A 236 3.60 1.03 -19.23
CA MET A 236 2.39 0.35 -19.71
C MET A 236 1.90 0.93 -21.04
N ALA A 237 1.92 2.25 -21.14
CA ALA A 237 1.43 2.96 -22.32
C ALA A 237 1.96 2.47 -23.65
N PHE A 238 3.18 1.94 -23.65
CA PHE A 238 3.81 1.49 -24.88
C PHE A 238 3.17 0.28 -25.52
N THR A 239 2.52 -0.53 -24.69
CA THR A 239 1.83 -1.73 -25.18
C THR A 239 0.56 -1.22 -25.89
N PHE A 240 -0.06 -0.20 -25.32
CA PHE A 240 -1.27 0.40 -25.92
C PHE A 240 -0.96 1.13 -27.22
N LEU A 241 0.11 1.92 -27.22
CA LEU A 241 0.53 2.71 -28.38
C LEU A 241 0.98 1.83 -29.52
N LYS A 242 1.66 0.73 -29.18
CA LYS A 242 2.12 -0.20 -30.20
C LYS A 242 0.92 -0.89 -30.88
N VAL A 243 -0.01 -1.38 -30.07
CA VAL A 243 -1.18 -2.11 -30.56
C VAL A 243 -2.21 -1.23 -31.29
N LEU A 244 -2.60 -0.16 -30.63
CA LEU A 244 -3.63 0.75 -31.15
C LEU A 244 -3.17 1.67 -32.28
N ASN A 245 -1.97 2.21 -32.13
CA ASN A 245 -1.42 3.16 -33.08
C ASN A 245 -0.36 2.58 -34.01
N ASN A 246 0.18 1.43 -33.62
CA ASN A 246 1.27 0.77 -34.35
C ASN A 246 2.54 1.63 -34.28
N MET A 247 2.70 2.28 -33.14
CA MET A 247 3.83 3.17 -32.91
C MET A 247 5.19 2.46 -32.91
N GLU A 248 6.22 3.11 -33.47
CA GLU A 248 7.58 2.57 -33.40
C GLU A 248 7.93 2.84 -31.93
N ILE A 249 8.24 1.81 -31.14
CA ILE A 249 8.56 2.04 -29.71
C ILE A 249 9.99 1.78 -29.27
N GLY A 250 10.87 1.48 -30.23
CA GLY A 250 12.26 1.22 -29.86
C GLY A 250 12.38 0.07 -28.87
N THR A 251 13.24 0.22 -27.85
CA THR A 251 13.41 -0.83 -26.86
C THR A 251 12.53 -0.59 -25.65
N SER A 252 11.54 0.30 -25.80
CA SER A 252 10.60 0.59 -24.72
C SER A 252 9.90 -0.68 -24.29
N LEU A 253 9.46 -0.72 -23.04
CA LEU A 253 8.73 -1.89 -22.52
C LEU A 253 7.50 -2.24 -23.36
N PHE A 254 7.34 -3.53 -23.62
CA PHE A 254 6.20 -4.04 -24.36
C PHE A 254 5.76 -5.35 -23.70
N ASP A 255 4.50 -5.39 -23.29
CA ASP A 255 3.93 -6.55 -22.62
C ASP A 255 3.21 -7.42 -23.65
N GLU A 256 3.81 -8.56 -23.98
CA GLU A 256 3.24 -9.46 -24.97
C GLU A 256 1.85 -10.04 -24.62
N ALA A 257 1.69 -10.55 -23.42
CA ALA A 257 0.41 -11.08 -22.98
C ALA A 257 -0.61 -9.97 -22.89
N GLY A 258 -0.23 -8.85 -22.28
CA GLY A 258 -1.13 -7.71 -22.13
C GLY A 258 -1.61 -7.11 -23.47
N LYS A 259 -0.74 -7.11 -24.48
CA LYS A 259 -1.09 -6.55 -25.78
C LYS A 259 -2.28 -7.25 -26.43
N LYS A 260 -2.53 -8.47 -25.98
CA LYS A 260 -3.64 -9.27 -26.49
C LYS A 260 -4.97 -8.85 -25.90
N ILE A 261 -4.95 -8.01 -24.88
CA ILE A 261 -6.16 -7.56 -24.17
C ILE A 261 -6.44 -6.06 -24.34
N VAL A 262 -5.47 -5.34 -24.90
CA VAL A 262 -5.59 -3.89 -25.12
C VAL A 262 -6.89 -3.45 -25.80
N LYS A 263 -7.20 -4.06 -26.94
CA LYS A 263 -8.41 -3.70 -27.68
C LYS A 263 -9.68 -3.94 -26.86
N ASN A 264 -9.67 -4.98 -26.04
CA ASN A 264 -10.81 -5.32 -25.18
C ASN A 264 -10.98 -4.26 -24.07
N LEU A 265 -9.88 -3.76 -23.53
CA LEU A 265 -9.93 -2.71 -22.50
C LEU A 265 -10.49 -1.41 -23.09
N MET A 266 -10.01 -1.05 -24.28
CA MET A 266 -10.46 0.16 -24.97
C MET A 266 -11.94 0.04 -25.30
N SER A 267 -12.37 -1.17 -25.63
CA SER A 267 -13.75 -1.45 -25.97
C SER A 267 -14.66 -1.19 -24.76
N LYS A 268 -14.21 -1.63 -23.59
CA LYS A 268 -14.96 -1.43 -22.34
C LYS A 268 -15.04 0.06 -22.00
N ALA A 269 -13.93 0.74 -22.15
CA ALA A 269 -13.86 2.17 -21.87
C ALA A 269 -14.89 2.89 -22.76
N ALA A 270 -14.98 2.47 -24.02
CA ALA A 270 -15.94 3.06 -24.96
C ALA A 270 -17.38 2.84 -24.51
N ALA A 271 -17.72 1.62 -24.15
CA ALA A 271 -19.07 1.29 -23.71
C ALA A 271 -19.48 1.98 -22.41
N ASN A 272 -18.53 2.14 -21.50
CA ASN A 272 -18.80 2.77 -20.21
C ASN A 272 -18.72 4.29 -20.28
N GLY A 273 -18.33 4.79 -21.44
CA GLY A 273 -18.23 6.23 -21.65
C GLY A 273 -17.03 6.88 -20.95
N VAL A 274 -15.93 6.13 -20.90
CA VAL A 274 -14.71 6.59 -20.25
C VAL A 274 -13.74 7.20 -21.26
N LYS A 275 -13.29 8.41 -20.97
CA LYS A 275 -12.32 9.06 -21.82
C LYS A 275 -10.92 8.61 -21.38
N ILE A 276 -10.20 8.00 -22.31
CA ILE A 276 -8.85 7.49 -22.10
C ILE A 276 -7.83 8.51 -22.63
N THR A 277 -6.91 8.89 -21.77
CA THR A 277 -5.84 9.80 -22.15
C THR A 277 -4.53 9.02 -22.14
N LEU A 278 -3.94 8.87 -23.32
CA LEU A 278 -2.66 8.19 -23.45
C LEU A 278 -1.61 9.23 -23.78
N PRO A 279 -0.34 8.94 -23.47
CA PRO A 279 0.69 9.92 -23.79
C PRO A 279 0.85 10.10 -25.32
N VAL A 280 1.28 11.31 -25.71
CA VAL A 280 1.49 11.69 -27.10
C VAL A 280 2.95 12.04 -27.41
N ASP A 281 3.77 12.19 -26.38
CA ASP A 281 5.17 12.49 -26.58
C ASP A 281 5.96 11.92 -25.41
N PHE A 282 7.27 11.79 -25.59
CA PHE A 282 8.10 11.15 -24.58
C PHE A 282 9.51 11.70 -24.44
N VAL A 283 10.13 11.32 -23.33
CA VAL A 283 11.51 11.65 -23.03
C VAL A 283 12.15 10.29 -23.22
N THR A 284 13.09 10.23 -24.16
CA THR A 284 13.75 8.94 -24.46
C THR A 284 15.13 8.83 -23.82
N ALA A 285 15.65 7.61 -23.78
CA ALA A 285 16.95 7.31 -23.21
C ALA A 285 17.58 6.21 -24.05
N ASP A 286 18.88 6.29 -24.25
CA ASP A 286 19.55 5.30 -25.08
C ASP A 286 19.73 3.95 -24.38
N LYS A 287 19.39 3.91 -23.09
CA LYS A 287 19.45 2.69 -22.29
C LYS A 287 18.78 2.93 -20.94
N PHE A 288 18.36 1.85 -20.29
CA PHE A 288 17.71 1.94 -18.98
C PHE A 288 18.76 2.17 -17.90
N ASP A 289 19.17 3.43 -17.79
CA ASP A 289 20.20 3.84 -16.82
C ASP A 289 19.90 5.26 -16.37
N GLU A 290 20.17 5.55 -15.11
CA GLU A 290 19.92 6.87 -14.54
C GLU A 290 20.64 7.99 -15.32
N GLN A 291 21.77 7.68 -15.92
CA GLN A 291 22.57 8.67 -16.65
C GLN A 291 22.60 8.47 -18.16
N ALA A 292 21.65 7.71 -18.70
CA ALA A 292 21.63 7.46 -20.14
C ALA A 292 21.45 8.78 -20.91
N LYS A 293 21.99 8.85 -22.12
CA LYS A 293 21.84 10.03 -22.97
C LYS A 293 20.36 10.15 -23.16
N ILE A 294 19.83 11.36 -23.11
CA ILE A 294 18.40 11.53 -23.31
C ILE A 294 18.05 12.17 -24.65
N GLY A 295 16.80 11.98 -25.04
CA GLY A 295 16.28 12.52 -26.29
C GLY A 295 14.80 12.80 -26.13
N GLN A 296 14.13 12.98 -27.27
CA GLN A 296 12.70 13.26 -27.27
C GLN A 296 12.03 12.56 -28.45
N ALA A 297 10.74 12.30 -28.33
CA ALA A 297 10.00 11.64 -29.41
C ALA A 297 8.53 11.84 -29.24
N THR A 298 7.79 11.57 -30.31
CA THR A 298 6.33 11.68 -30.28
C THR A 298 5.79 10.36 -30.83
N VAL A 299 4.49 10.11 -30.66
CA VAL A 299 3.87 8.88 -31.19
C VAL A 299 4.04 8.83 -32.71
N ALA A 300 3.96 10.00 -33.35
CA ALA A 300 4.08 10.10 -34.80
C ALA A 300 5.52 9.87 -35.30
N SER A 301 6.50 10.50 -34.64
CA SER A 301 7.90 10.35 -35.04
C SER A 301 8.39 8.94 -34.73
N GLY A 302 7.88 8.36 -33.65
CA GLY A 302 8.28 7.03 -33.21
C GLY A 302 9.54 7.13 -32.36
N ILE A 303 9.93 6.03 -31.73
CA ILE A 303 11.15 6.01 -30.91
C ILE A 303 12.23 5.24 -31.67
N PRO A 304 13.43 5.84 -31.80
CA PRO A 304 14.56 5.23 -32.52
C PRO A 304 14.98 3.86 -31.99
N ALA A 305 15.44 3.01 -32.92
CA ALA A 305 15.89 1.68 -32.58
C ALA A 305 16.93 1.76 -31.45
N GLY A 306 16.80 0.90 -30.46
CA GLY A 306 17.74 0.94 -29.35
C GLY A 306 17.28 1.83 -28.20
N TRP A 307 16.62 2.95 -28.50
CA TRP A 307 16.15 3.87 -27.46
C TRP A 307 14.82 3.47 -26.81
N MET A 308 14.56 3.94 -25.60
CA MET A 308 13.31 3.62 -24.91
C MET A 308 12.66 4.85 -24.27
N GLY A 309 11.33 4.88 -24.24
CA GLY A 309 10.63 6.01 -23.64
C GLY A 309 10.54 5.77 -22.13
N LEU A 310 11.17 6.64 -21.36
CA LEU A 310 11.15 6.51 -19.90
C LEU A 310 10.28 7.53 -19.17
N ASP A 311 9.74 8.52 -19.88
CA ASP A 311 8.85 9.51 -19.27
C ASP A 311 8.02 10.12 -20.38
N CYS A 312 6.90 10.72 -20.00
CA CYS A 312 6.04 11.40 -20.97
C CYS A 312 6.70 12.75 -21.28
N GLY A 313 6.26 13.39 -22.35
CA GLY A 313 6.81 14.67 -22.74
C GLY A 313 5.92 15.82 -22.31
N PRO A 314 6.25 17.03 -22.76
CA PRO A 314 5.49 18.24 -22.44
C PRO A 314 4.03 18.23 -22.89
N LYS A 315 3.79 17.83 -24.12
CA LYS A 315 2.42 17.78 -24.61
C LYS A 315 1.57 16.80 -23.84
N SER A 316 2.16 15.68 -23.43
CA SER A 316 1.44 14.68 -22.66
C SER A 316 1.12 15.29 -21.29
N SER A 317 2.08 16.05 -20.75
CA SER A 317 1.90 16.68 -19.45
C SER A 317 0.72 17.65 -19.47
N ALA A 318 0.53 18.30 -20.61
CA ALA A 318 -0.58 19.23 -20.83
C ALA A 318 -1.92 18.47 -20.75
N LYS A 319 -2.04 17.39 -21.53
CA LYS A 319 -3.26 16.59 -21.56
C LYS A 319 -3.60 16.00 -20.18
N TYR A 320 -2.57 15.51 -19.48
CA TYR A 320 -2.75 14.96 -18.16
C TYR A 320 -3.31 16.04 -17.24
N SER A 321 -2.67 17.21 -17.30
CA SER A 321 -3.07 18.38 -16.47
C SER A 321 -4.53 18.77 -16.76
N GLU A 322 -4.91 18.70 -18.03
CA GLU A 322 -6.28 19.02 -18.42
C GLU A 322 -7.30 18.04 -17.81
N ALA A 323 -6.91 16.77 -17.71
CA ALA A 323 -7.78 15.75 -17.11
C ALA A 323 -7.91 16.03 -15.61
N VAL A 324 -6.80 16.35 -14.98
CA VAL A 324 -6.83 16.64 -13.56
C VAL A 324 -7.72 17.86 -13.30
N ALA A 325 -7.62 18.87 -14.16
CA ALA A 325 -8.42 20.09 -14.02
C ALA A 325 -9.91 19.81 -14.08
N ARG A 326 -10.29 18.80 -14.85
CA ARG A 326 -11.71 18.42 -14.97
C ARG A 326 -12.24 17.53 -13.83
N ALA A 327 -11.34 16.87 -13.11
CA ALA A 327 -11.74 15.95 -12.04
C ALA A 327 -12.12 16.52 -10.67
N LYS A 328 -13.13 15.93 -10.04
CA LYS A 328 -13.46 16.32 -8.67
C LYS A 328 -12.95 15.20 -7.73
N GLN A 329 -12.57 14.06 -8.32
CA GLN A 329 -11.99 12.96 -7.54
C GLN A 329 -10.93 12.29 -8.40
N ILE A 330 -9.80 11.96 -7.78
CA ILE A 330 -8.69 11.33 -8.48
C ILE A 330 -8.09 10.20 -7.67
N VAL A 331 -7.80 9.09 -8.34
CA VAL A 331 -7.12 7.97 -7.72
C VAL A 331 -5.89 7.80 -8.60
N TRP A 332 -4.71 7.88 -8.01
CA TRP A 332 -3.45 7.75 -8.72
C TRP A 332 -2.66 6.52 -8.25
N ASN A 333 -2.47 5.58 -9.15
CA ASN A 333 -1.71 4.38 -8.82
C ASN A 333 -0.66 4.11 -9.90
N GLY A 334 0.57 4.52 -9.61
CA GLY A 334 1.71 4.35 -10.50
C GLY A 334 2.18 5.60 -11.22
N PRO A 335 3.44 6.05 -10.94
CA PRO A 335 3.99 7.23 -11.59
C PRO A 335 4.00 7.07 -13.11
N VAL A 336 4.08 8.19 -13.83
CA VAL A 336 4.03 8.18 -15.28
C VAL A 336 5.36 8.07 -16.03
N GLY A 337 6.43 7.87 -15.28
CA GLY A 337 7.76 7.71 -15.85
C GLY A 337 8.67 7.14 -14.77
N VAL A 338 9.95 6.96 -15.07
CA VAL A 338 10.92 6.38 -14.11
C VAL A 338 11.27 7.45 -13.08
N PHE A 339 10.37 7.61 -12.12
CA PHE A 339 10.47 8.64 -11.07
C PHE A 339 11.73 8.55 -10.19
N GLU A 340 12.33 7.36 -10.14
CA GLU A 340 13.53 7.13 -9.36
C GLU A 340 14.73 7.90 -9.92
N TRP A 341 14.69 8.17 -11.21
CA TRP A 341 15.76 8.86 -11.91
C TRP A 341 15.27 10.26 -12.30
N GLU A 342 15.93 11.26 -11.74
CA GLU A 342 15.60 12.66 -11.95
C GLU A 342 15.31 13.05 -13.40
N ALA A 343 16.14 12.60 -14.32
CA ALA A 343 15.99 12.91 -15.72
C ALA A 343 14.65 12.44 -16.33
N PHE A 344 14.03 11.43 -15.71
CA PHE A 344 12.78 10.83 -16.20
C PHE A 344 11.66 10.89 -15.16
N ALA A 345 11.80 11.82 -14.23
CA ALA A 345 10.82 12.00 -13.16
C ALA A 345 9.99 13.28 -13.34
N GLN A 346 10.35 14.09 -14.31
CA GLN A 346 9.68 15.37 -14.54
C GLN A 346 8.19 15.32 -14.85
N GLY A 347 7.76 14.32 -15.61
CA GLY A 347 6.34 14.18 -15.93
C GLY A 347 5.56 13.89 -14.65
N THR A 348 6.13 13.02 -13.81
CA THR A 348 5.53 12.64 -12.53
C THR A 348 5.49 13.82 -11.57
N LYS A 349 6.58 14.59 -11.57
CA LYS A 349 6.74 15.77 -10.70
C LYS A 349 5.71 16.81 -11.11
N ALA A 350 5.60 17.03 -12.41
CA ALA A 350 4.63 17.98 -12.97
C ALA A 350 3.20 17.54 -12.67
N LEU A 351 2.92 16.25 -12.79
CA LEU A 351 1.57 15.75 -12.51
C LEU A 351 1.24 15.95 -11.04
N MET A 352 2.20 15.67 -10.16
CA MET A 352 2.02 15.85 -8.72
C MET A 352 1.62 17.31 -8.45
N ASP A 353 2.30 18.26 -9.10
CA ASP A 353 1.98 19.68 -8.95
C ASP A 353 0.53 19.95 -9.28
N GLU A 354 0.03 19.32 -10.33
CA GLU A 354 -1.37 19.50 -10.72
C GLU A 354 -2.35 18.88 -9.71
N VAL A 355 -2.01 17.69 -9.20
CA VAL A 355 -2.84 16.98 -8.25
C VAL A 355 -2.92 17.77 -6.94
N VAL A 356 -1.79 18.36 -6.54
CA VAL A 356 -1.71 19.20 -5.34
C VAL A 356 -2.63 20.43 -5.54
N LYS A 357 -2.52 21.08 -6.70
CA LYS A 357 -3.39 22.22 -7.00
C LYS A 357 -4.86 21.81 -7.01
N ALA A 358 -5.14 20.62 -7.53
CA ALA A 358 -6.53 20.12 -7.57
C ALA A 358 -7.08 19.96 -6.14
N THR A 359 -6.24 19.42 -5.27
CA THR A 359 -6.64 19.22 -3.88
C THR A 359 -6.95 20.56 -3.21
N SER A 360 -6.15 21.57 -3.53
CA SER A 360 -6.36 22.91 -2.97
C SER A 360 -7.73 23.49 -3.29
N ARG A 361 -8.29 23.14 -4.44
CA ARG A 361 -9.61 23.65 -4.82
C ARG A 361 -10.76 22.68 -4.53
N GLY A 362 -10.48 21.63 -3.73
CA GLY A 362 -11.53 20.69 -3.34
C GLY A 362 -11.54 19.30 -3.94
N CYS A 363 -10.59 18.98 -4.83
CA CYS A 363 -10.57 17.65 -5.43
C CYS A 363 -10.17 16.60 -4.38
N ILE A 364 -10.85 15.47 -4.36
CA ILE A 364 -10.52 14.39 -3.43
C ILE A 364 -9.44 13.61 -4.17
N THR A 365 -8.22 13.66 -3.65
CA THR A 365 -7.09 13.01 -4.32
C THR A 365 -6.54 11.86 -3.48
N ILE A 366 -6.57 10.67 -4.06
CA ILE A 366 -6.15 9.45 -3.38
C ILE A 366 -4.91 8.87 -4.06
N ILE A 367 -3.83 8.74 -3.30
CA ILE A 367 -2.55 8.22 -3.80
C ILE A 367 -2.39 6.78 -3.32
N GLY A 368 -2.17 5.88 -4.26
CA GLY A 368 -1.99 4.48 -3.94
C GLY A 368 -0.67 4.23 -3.22
N GLY A 369 -0.63 3.15 -2.44
CA GLY A 369 0.57 2.82 -1.73
C GLY A 369 1.69 2.39 -2.67
N GLY A 370 2.89 2.31 -2.14
CA GLY A 370 3.99 1.90 -3.00
C GLY A 370 4.67 3.08 -3.66
N ASP A 371 4.91 2.94 -4.97
CA ASP A 371 5.63 3.96 -5.72
C ASP A 371 5.06 5.38 -5.68
N THR A 372 3.76 5.51 -5.87
CA THR A 372 3.11 6.82 -5.88
C THR A 372 3.25 7.47 -4.51
N ALA A 373 3.14 6.66 -3.45
CA ALA A 373 3.30 7.15 -2.08
C ALA A 373 4.74 7.62 -1.87
N THR A 374 5.70 6.89 -2.42
CA THR A 374 7.12 7.26 -2.29
C THR A 374 7.36 8.64 -2.90
N CYS A 375 6.68 8.94 -4.00
CA CYS A 375 6.79 10.23 -4.68
C CYS A 375 6.31 11.38 -3.80
N CYS A 376 5.23 11.13 -3.08
CA CYS A 376 4.68 12.13 -2.15
C CYS A 376 5.72 12.44 -1.07
N ALA A 377 6.41 11.40 -0.63
CA ALA A 377 7.44 11.52 0.38
C ALA A 377 8.63 12.33 -0.15
N LYS A 378 9.18 11.89 -1.28
CA LYS A 378 10.32 12.54 -1.92
C LYS A 378 10.14 14.04 -2.12
N TRP A 379 8.99 14.43 -2.65
CA TRP A 379 8.70 15.83 -2.92
C TRP A 379 7.87 16.53 -1.84
N ASN A 380 7.73 15.87 -0.70
CA ASN A 380 6.98 16.41 0.45
C ASN A 380 5.56 16.89 0.18
N THR A 381 4.73 16.03 -0.41
CA THR A 381 3.35 16.39 -0.70
C THR A 381 2.30 15.61 0.11
N GLU A 382 2.72 14.90 1.15
CA GLU A 382 1.79 14.12 1.97
C GLU A 382 0.65 14.93 2.56
N ASP A 383 0.97 16.15 2.97
CA ASP A 383 0.02 17.08 3.58
C ASP A 383 -0.69 17.92 2.52
N ASN A 384 -0.38 17.64 1.25
CA ASN A 384 -0.95 18.37 0.13
C ASN A 384 -1.99 17.62 -0.71
N VAL A 385 -2.15 16.33 -0.42
CA VAL A 385 -3.16 15.53 -1.13
C VAL A 385 -4.12 14.98 -0.07
N SER A 386 -5.30 14.56 -0.49
CA SER A 386 -6.31 14.07 0.45
C SER A 386 -5.89 12.83 1.23
N HIS A 387 -5.34 11.86 0.52
CA HIS A 387 -4.96 10.61 1.16
C HIS A 387 -3.76 9.93 0.52
N VAL A 388 -2.83 9.46 1.33
CA VAL A 388 -1.67 8.73 0.83
C VAL A 388 -1.75 7.40 1.54
N SER A 389 -1.90 6.32 0.79
CA SER A 389 -2.03 5.00 1.37
C SER A 389 -0.72 4.45 1.90
N THR A 390 -0.81 3.77 3.04
CA THR A 390 0.34 3.17 3.68
C THR A 390 0.67 1.78 3.14
N GLY A 391 -0.23 1.23 2.31
CA GLY A 391 0.00 -0.11 1.79
C GLY A 391 -0.16 -0.34 0.30
N GLY A 392 0.95 -0.58 -0.36
CA GLY A 392 0.93 -0.84 -1.80
C GLY A 392 0.05 -2.02 -2.25
N GLY A 393 0.42 -3.22 -1.84
CA GLY A 393 -0.33 -4.42 -2.20
C GLY A 393 -1.79 -4.40 -1.73
N ALA A 394 -2.00 -3.92 -0.50
CA ALA A 394 -3.34 -3.82 0.05
C ALA A 394 -4.23 -2.86 -0.75
N SER A 395 -3.75 -1.65 -1.06
CA SER A 395 -4.57 -0.73 -1.84
C SER A 395 -4.80 -1.22 -3.28
N LEU A 396 -3.83 -1.94 -3.83
CA LEU A 396 -3.99 -2.47 -5.18
C LEU A 396 -5.13 -3.48 -5.20
N GLU A 397 -5.16 -4.39 -4.24
CA GLU A 397 -6.23 -5.39 -4.21
C GLU A 397 -7.60 -4.75 -4.06
N LEU A 398 -7.65 -3.66 -3.30
CA LEU A 398 -8.91 -2.93 -3.10
C LEU A 398 -9.37 -2.31 -4.42
N LEU A 399 -8.44 -1.67 -5.12
CA LEU A 399 -8.74 -1.02 -6.38
C LEU A 399 -9.08 -2.05 -7.43
N GLU A 400 -8.67 -3.28 -7.18
CA GLU A 400 -8.98 -4.39 -8.08
C GLU A 400 -10.38 -4.92 -7.82
N GLY A 401 -10.99 -4.47 -6.71
CA GLY A 401 -12.34 -4.87 -6.34
C GLY A 401 -12.42 -6.08 -5.42
N LYS A 402 -11.29 -6.41 -4.79
CA LYS A 402 -11.21 -7.58 -3.91
C LYS A 402 -11.56 -7.29 -2.45
N VAL A 403 -12.02 -8.31 -1.75
CA VAL A 403 -12.32 -8.22 -0.33
C VAL A 403 -11.00 -8.44 0.40
N LEU A 404 -10.72 -7.65 1.42
CA LEU A 404 -9.49 -7.80 2.19
C LEU A 404 -9.76 -8.70 3.40
N PRO A 405 -9.07 -9.86 3.48
CA PRO A 405 -9.27 -10.78 4.61
C PRO A 405 -9.24 -10.10 5.97
N GLY A 406 -8.29 -9.19 6.15
CA GLY A 406 -8.14 -8.47 7.41
C GLY A 406 -9.31 -7.56 7.75
N VAL A 407 -9.93 -7.00 6.73
CA VAL A 407 -11.08 -6.13 6.92
C VAL A 407 -12.33 -7.01 7.15
N ASP A 408 -12.46 -8.04 6.33
CA ASP A 408 -13.60 -8.96 6.40
C ASP A 408 -13.69 -9.65 7.76
N ALA A 409 -12.54 -9.87 8.40
CA ALA A 409 -12.48 -10.53 9.70
C ALA A 409 -12.95 -9.67 10.88
N LEU A 410 -13.02 -8.36 10.66
CA LEU A 410 -13.45 -7.43 11.71
C LEU A 410 -14.93 -7.61 12.06
N SER A 411 -15.29 -7.17 13.26
CA SER A 411 -16.66 -7.23 13.74
C SER A 411 -17.51 -6.24 12.94
N ASN A 412 -18.82 -6.45 12.92
CA ASN A 412 -19.72 -5.56 12.16
C ASN A 412 -20.50 -4.55 12.99
N VAL A 413 -20.92 -3.46 12.34
CA VAL A 413 -21.64 -2.35 13.01
C VAL A 413 -23.03 -1.89 12.81
#